data_3V49
#
_entry.id   3V49
#
_cell.length_a   54.629
_cell.length_b   67.331
_cell.length_c   69.809
_cell.angle_alpha   90.00
_cell.angle_beta   90.00
_cell.angle_gamma   90.00
#
_symmetry.space_group_name_H-M   'P 21 21 21'
#
loop_
_entity.id
_entity.type
_entity.pdbx_description
1 polymer 'Androgen receptor'
2 polymer 'Androgen receptor, activator peptide'
3 non-polymer 4-[(4R)-4-(4-hydroxyphenyl)-3,4-dimethyl-2,5-dioxoimidazolidin-1-yl]-2-(trifluoromethyl)benzonitrile
4 non-polymer 'SULFATE ION'
5 water water
#
loop_
_entity_poly.entity_id
_entity_poly.type
_entity_poly.pdbx_seq_one_letter_code
_entity_poly.pdbx_strand_id
1 'polypeptide(L)'
;ETTQKLTVSHIEGYECQPIFLNVLEAIEPGVVCAGHDNNQPDSFAALLSSLNELGERQLVHVVKWAKALPGFRNLHVDDQ
MAVIQYSWMGLMVFAMGWRSFTNVNSRMLYFAPDLVFNEYRMHKSRMYSQCVRMRHLSQEFGWLQITPQEFLCMKALLLF
SIIPVDGLKNQKFFDELRMNYIKELDRIIACKRKNPTSCSRRFYQLTKLLDSVQPIARELHQFTFDLLIKSHMVSVDFPE
MMAEIISVQVPKILSGKVKPIYFHTQ
;
A
2 'polypeptide(L)' GAFQNLFQSVR B
#
# COMPACT_ATOMS: atom_id res chain seq x y z
N PRO A 18 -23.33 11.67 6.94
CA PRO A 18 -22.26 10.82 6.39
C PRO A 18 -21.32 10.32 7.48
N ILE A 19 -21.87 9.55 8.39
CA ILE A 19 -21.19 9.01 9.57
C ILE A 19 -19.90 8.27 9.22
N PHE A 20 -20.03 7.42 8.18
CA PHE A 20 -18.89 6.59 7.82
C PHE A 20 -17.75 7.42 7.28
N LEU A 21 -18.08 8.29 6.32
CA LEU A 21 -17.09 9.23 5.81
C LEU A 21 -16.53 10.12 6.90
N ASN A 22 -17.36 10.54 7.85
CA ASN A 22 -16.85 11.36 8.94
C ASN A 22 -15.69 10.68 9.65
N VAL A 23 -15.92 9.40 9.97
CA VAL A 23 -14.89 8.59 10.65
C VAL A 23 -13.63 8.47 9.79
N LEU A 24 -13.77 8.10 8.51
CA LEU A 24 -12.57 7.93 7.68
C LEU A 24 -11.75 9.20 7.58
N GLU A 25 -12.43 10.35 7.48
CA GLU A 25 -11.70 11.62 7.48
C GLU A 25 -10.96 11.85 8.78
N ALA A 26 -11.63 11.54 9.89
CA ALA A 26 -11.07 11.81 11.22
C ALA A 26 -9.80 10.99 11.46
N ILE A 27 -9.77 9.75 10.97
CA ILE A 27 -8.63 8.88 11.32
C ILE A 27 -7.54 8.94 10.26
N GLU A 28 -7.70 9.69 9.18
CA GLU A 28 -6.74 9.66 8.09
C GLU A 28 -5.38 10.18 8.54
N PRO A 29 -4.31 9.42 8.32
CA PRO A 29 -3.01 9.88 8.81
C PRO A 29 -2.53 11.11 8.01
N GLY A 30 -1.73 11.92 8.71
CA GLY A 30 -1.15 13.13 8.18
C GLY A 30 0.09 12.79 7.37
N VAL A 31 0.77 13.84 6.94
CA VAL A 31 1.92 13.71 6.04
C VAL A 31 3.07 12.98 6.71
N VAL A 32 3.83 12.23 5.94
CA VAL A 32 4.96 11.46 6.44
C VAL A 32 6.17 11.79 5.57
N CYS A 33 7.29 12.14 6.19
CA CYS A 33 8.52 12.36 5.45
C CYS A 33 9.42 11.13 5.51
N ALA A 34 10.30 11.01 4.52
CA ALA A 34 11.20 9.88 4.35
C ALA A 34 12.55 10.08 5.05
N GLY A 35 12.96 11.34 5.27
CA GLY A 35 14.26 11.58 5.90
C GLY A 35 15.41 11.60 4.92
N HIS A 36 15.11 11.68 3.63
CA HIS A 36 16.07 11.71 2.56
C HIS A 36 16.87 13.01 2.48
N ASP A 37 18.15 12.86 2.15
CA ASP A 37 19.04 13.99 1.98
C ASP A 37 19.10 14.40 0.52
N ASN A 38 18.32 15.45 0.20
CA ASN A 38 18.26 15.92 -1.19
C ASN A 38 19.48 16.75 -1.56
N ASN A 39 20.40 16.96 -0.62
CA ASN A 39 21.59 17.74 -0.94
C ASN A 39 22.67 16.89 -1.56
N GLN A 40 22.47 15.59 -1.55
CA GLN A 40 23.44 14.68 -2.15
C GLN A 40 22.90 14.18 -3.48
N PRO A 41 23.78 13.84 -4.41
CA PRO A 41 23.30 13.28 -5.68
C PRO A 41 22.60 11.96 -5.42
N ASP A 42 21.62 11.64 -6.26
CA ASP A 42 20.94 10.35 -6.17
C ASP A 42 21.89 9.18 -6.44
N SER A 43 21.72 8.14 -5.65
CA SER A 43 22.38 6.86 -5.81
C SER A 43 21.32 5.79 -5.47
N PHE A 44 21.46 4.60 -6.01
CA PHE A 44 20.53 3.51 -5.71
C PHE A 44 20.54 3.24 -4.22
N ALA A 45 21.76 3.14 -3.62
CA ALA A 45 21.81 2.81 -2.21
C ALA A 45 21.09 3.84 -1.35
N ALA A 46 21.23 5.11 -1.65
CA ALA A 46 20.55 6.11 -0.82
C ALA A 46 19.04 6.10 -1.04
N LEU A 47 18.66 5.91 -2.30
CA LEU A 47 17.22 5.91 -2.58
C LEU A 47 16.59 4.70 -1.89
N LEU A 48 17.25 3.55 -1.95
CA LEU A 48 16.64 2.38 -1.28
C LEU A 48 16.63 2.58 0.22
N SER A 49 17.64 3.24 0.80
CA SER A 49 17.57 3.35 2.27
C SER A 49 16.39 4.22 2.64
N SER A 50 16.17 5.24 1.79
CA SER A 50 15.05 6.13 2.10
C SER A 50 13.71 5.46 1.89
N LEU A 51 13.65 4.60 0.89
CA LEU A 51 12.36 3.91 0.67
C LEU A 51 12.08 2.95 1.82
N ASN A 52 13.13 2.29 2.28
CA ASN A 52 13.01 1.44 3.45
C ASN A 52 12.51 2.22 4.67
N GLU A 53 13.16 3.37 4.95
CA GLU A 53 12.74 4.24 6.07
C GLU A 53 11.30 4.70 5.87
N LEU A 54 10.97 5.19 4.67
CA LEU A 54 9.61 5.68 4.43
C LEU A 54 8.58 4.57 4.62
N GLY A 55 8.91 3.42 4.05
CA GLY A 55 8.10 2.23 4.13
C GLY A 55 7.75 1.83 5.57
N GLU A 56 8.78 1.82 6.43
CA GLU A 56 8.53 1.53 7.83
C GLU A 56 7.71 2.61 8.50
N ARG A 57 7.99 3.88 8.20
CA ARG A 57 7.24 4.97 8.83
C ARG A 57 5.77 4.91 8.42
N GLN A 58 5.52 4.59 7.15
CA GLN A 58 4.13 4.50 6.70
C GLN A 58 3.45 3.29 7.34
N LEU A 59 4.20 2.20 7.53
CA LEU A 59 3.57 1.01 8.12
C LEU A 59 3.04 1.34 9.50
N VAL A 60 3.81 2.14 10.27
CA VAL A 60 3.37 2.52 11.61
C VAL A 60 2.03 3.23 11.52
N HIS A 61 1.95 4.21 10.60
CA HIS A 61 0.69 4.90 10.44
C HIS A 61 -0.41 3.99 9.89
N VAL A 62 -0.13 2.99 9.08
CA VAL A 62 -1.20 2.09 8.63
C VAL A 62 -1.78 1.30 9.81
N VAL A 63 -0.89 0.88 10.72
CA VAL A 63 -1.35 0.18 11.92
C VAL A 63 -2.24 1.08 12.76
N LYS A 64 -1.84 2.34 12.99
CA LYS A 64 -2.68 3.23 13.80
C LYS A 64 -4.04 3.49 13.19
N TRP A 65 -4.03 3.75 11.89
CA TRP A 65 -5.21 3.95 11.04
C TRP A 65 -6.10 2.74 11.09
N ALA A 66 -5.54 1.57 10.70
CA ALA A 66 -6.35 0.37 10.62
C ALA A 66 -7.00 0.00 11.94
N LYS A 67 -6.30 0.12 13.06
CA LYS A 67 -6.92 -0.26 14.34
C LYS A 67 -8.11 0.63 14.69
N ALA A 68 -8.16 1.83 14.09
CA ALA A 68 -9.29 2.71 14.38
C ALA A 68 -10.39 2.65 13.32
N LEU A 69 -10.30 1.74 12.35
CA LEU A 69 -11.36 1.64 11.36
C LEU A 69 -12.64 1.01 11.90
N PRO A 70 -13.80 1.48 11.44
CA PRO A 70 -15.08 0.85 11.81
C PRO A 70 -15.02 -0.67 11.62
N GLY A 71 -15.28 -1.39 12.71
CA GLY A 71 -15.36 -2.83 12.60
C GLY A 71 -14.10 -3.62 12.69
N PHE A 72 -12.93 -2.97 12.69
CA PHE A 72 -11.70 -3.73 12.49
C PHE A 72 -11.45 -4.69 13.64
N ARG A 73 -11.90 -4.29 14.84
CA ARG A 73 -11.69 -5.16 15.98
C ARG A 73 -12.63 -6.36 15.96
N ASN A 74 -13.58 -6.44 15.04
CA ASN A 74 -14.40 -7.66 14.90
C ASN A 74 -13.50 -8.83 14.49
N LEU A 75 -12.38 -8.47 13.85
CA LEU A 75 -11.52 -9.52 13.30
C LEU A 75 -10.72 -10.22 14.41
N HIS A 76 -10.52 -11.52 14.23
CA HIS A 76 -9.59 -12.25 15.06
C HIS A 76 -8.28 -11.48 15.04
N VAL A 77 -7.60 -11.33 16.18
CA VAL A 77 -6.37 -10.56 16.26
C VAL A 77 -5.30 -11.08 15.31
N ASP A 78 -5.25 -12.41 15.08
CA ASP A 78 -4.26 -12.89 14.13
C ASP A 78 -4.54 -12.38 12.71
N ASP A 79 -5.81 -12.27 12.39
CA ASP A 79 -6.24 -11.82 11.08
C ASP A 79 -6.01 -10.30 10.96
N GLN A 80 -6.24 -9.58 12.06
CA GLN A 80 -5.95 -8.15 12.07
C GLN A 80 -4.51 -7.94 11.64
N MET A 81 -3.61 -8.69 12.28
CA MET A 81 -2.19 -8.51 12.00
C MET A 81 -1.85 -8.95 10.58
N ALA A 82 -2.43 -10.05 10.12
CA ALA A 82 -2.16 -10.55 8.77
C ALA A 82 -2.56 -9.57 7.66
N VAL A 83 -3.80 -9.09 7.71
CA VAL A 83 -4.38 -8.25 6.68
C VAL A 83 -3.60 -6.97 6.52
N ILE A 84 -3.12 -6.37 7.62
CA ILE A 84 -2.27 -5.19 7.51
C ILE A 84 -0.98 -5.56 6.77
N GLN A 85 -0.30 -6.66 7.12
CA GLN A 85 0.96 -6.92 6.42
C GLN A 85 0.74 -7.29 4.95
N TYR A 86 -0.33 -8.02 4.63
CA TYR A 86 -0.51 -8.37 3.22
C TYR A 86 -0.89 -7.16 2.38
N SER A 87 -1.72 -6.25 2.94
CA SER A 87 -2.18 -5.15 2.10
C SER A 87 -1.33 -3.89 2.24
N TRP A 88 -0.32 -3.83 3.10
CA TRP A 88 0.38 -2.53 3.27
C TRP A 88 0.96 -1.99 1.98
N MET A 89 1.64 -2.79 1.18
CA MET A 89 2.21 -2.21 -0.06
C MET A 89 1.09 -1.67 -0.94
N GLY A 90 -0.06 -2.37 -1.11
CA GLY A 90 -1.08 -1.79 -1.96
C GLY A 90 -1.66 -0.49 -1.41
N LEU A 91 -1.79 -0.44 -0.08
CA LEU A 91 -2.24 0.80 0.56
C LEU A 91 -1.28 1.94 0.26
N MET A 92 0.02 1.64 0.32
CA MET A 92 0.98 2.72 0.10
C MET A 92 0.98 3.17 -1.36
N VAL A 93 0.85 2.21 -2.28
CA VAL A 93 0.77 2.55 -3.70
C VAL A 93 -0.40 3.45 -4.03
N PHE A 94 -1.57 3.04 -3.54
CA PHE A 94 -2.81 3.79 -3.78
C PHE A 94 -2.70 5.21 -3.24
N ALA A 95 -2.24 5.30 -1.99
CA ALA A 95 -2.12 6.66 -1.39
C ALA A 95 -1.07 7.51 -2.09
N MET A 96 0.06 6.92 -2.48
CA MET A 96 1.11 7.66 -3.17
C MET A 96 0.58 8.16 -4.50
N GLY A 97 -0.18 7.33 -5.21
CA GLY A 97 -0.80 7.76 -6.45
C GLY A 97 -1.71 8.96 -6.25
N TRP A 98 -2.50 8.92 -5.19
CA TRP A 98 -3.41 10.01 -4.86
C TRP A 98 -2.65 11.29 -4.56
N ARG A 99 -1.56 11.18 -3.76
CA ARG A 99 -0.77 12.38 -3.46
C ARG A 99 -0.13 12.96 -4.71
N SER A 100 0.31 12.05 -5.58
CA SER A 100 0.92 12.51 -6.83
C SER A 100 -0.09 13.31 -7.64
N PHE A 101 -1.32 12.81 -7.69
CA PHE A 101 -2.34 13.49 -8.49
C PHE A 101 -2.68 14.83 -7.84
N THR A 102 -2.97 14.80 -6.53
CA THR A 102 -3.45 15.99 -5.85
C THR A 102 -2.37 17.07 -5.69
N ASN A 103 -1.13 16.67 -5.46
CA ASN A 103 -0.11 17.69 -5.20
C ASN A 103 0.61 18.20 -6.45
N VAL A 104 0.80 17.37 -7.46
CA VAL A 104 1.59 17.80 -8.63
C VAL A 104 0.99 17.35 -9.94
N ASN A 105 -0.30 17.00 -9.96
CA ASN A 105 -0.95 16.71 -11.24
C ASN A 105 -0.24 15.61 -12.01
N SER A 106 0.29 14.63 -11.28
CA SER A 106 0.91 13.43 -11.78
C SER A 106 2.20 13.71 -12.56
N ARG A 107 2.75 14.92 -12.46
CA ARG A 107 3.97 15.24 -13.18
C ARG A 107 5.16 14.47 -12.62
N MET A 108 5.07 14.13 -11.35
CA MET A 108 6.10 13.33 -10.68
C MET A 108 5.44 12.44 -9.65
N LEU A 109 6.20 11.55 -9.03
CA LEU A 109 5.66 10.69 -7.98
C LEU A 109 6.02 11.24 -6.60
N TYR A 110 4.95 11.59 -5.89
CA TYR A 110 5.06 12.21 -4.58
C TYR A 110 5.09 11.16 -3.48
N PHE A 111 6.25 10.50 -3.35
CA PHE A 111 6.37 9.52 -2.26
C PHE A 111 6.22 10.19 -0.90
N ALA A 112 6.89 11.33 -0.72
CA ALA A 112 6.84 12.12 0.51
C ALA A 112 7.28 13.55 0.14
N PRO A 113 7.00 14.54 0.98
CA PRO A 113 7.41 15.91 0.64
C PRO A 113 8.91 16.01 0.39
N ASP A 114 9.68 15.17 1.07
CA ASP A 114 11.14 15.15 0.87
C ASP A 114 11.62 14.02 -0.01
N LEU A 115 10.73 13.29 -0.67
CA LEU A 115 11.12 12.25 -1.62
C LEU A 115 10.18 12.29 -2.82
N VAL A 116 10.48 13.21 -3.74
CA VAL A 116 9.68 13.34 -4.95
C VAL A 116 10.46 12.76 -6.12
N PHE A 117 9.92 11.78 -6.84
CA PHE A 117 10.63 11.15 -7.95
C PHE A 117 10.36 11.83 -9.30
N ASN A 118 11.39 12.32 -9.95
CA ASN A 118 11.35 12.65 -11.38
C ASN A 118 11.80 11.40 -12.16
N GLU A 119 11.81 11.43 -13.50
CA GLU A 119 12.17 10.23 -14.26
C GLU A 119 13.60 9.80 -13.98
N TYR A 120 14.52 10.73 -13.76
CA TYR A 120 15.87 10.32 -13.42
C TYR A 120 15.94 9.52 -12.12
N ARG A 121 15.20 9.93 -11.10
CA ARG A 121 15.08 9.12 -9.88
C ARG A 121 14.36 7.79 -10.08
N MET A 122 13.30 7.78 -10.87
CA MET A 122 12.64 6.53 -11.22
C MET A 122 13.69 5.58 -11.78
N HIS A 123 14.54 6.11 -12.68
CA HIS A 123 15.54 5.23 -13.28
C HIS A 123 16.59 4.80 -12.28
N LYS A 124 17.07 5.71 -11.44
CA LYS A 124 18.15 5.41 -10.54
C LYS A 124 17.72 4.41 -9.46
N SER A 125 16.42 4.41 -9.16
CA SER A 125 15.87 3.50 -8.15
C SER A 125 15.80 2.04 -8.60
N ARG A 126 15.99 1.83 -9.90
CA ARG A 126 15.92 0.50 -10.52
C ARG A 126 14.48 -0.03 -10.51
N MET A 127 13.54 0.86 -10.21
CA MET A 127 12.13 0.49 -10.24
C MET A 127 11.38 1.26 -11.33
N TYR A 128 12.03 1.47 -12.48
CA TYR A 128 11.42 2.38 -13.46
C TYR A 128 10.06 1.87 -13.91
N SER A 129 9.93 0.60 -14.25
CA SER A 129 8.64 0.10 -14.73
C SER A 129 7.53 0.23 -13.70
N GLN A 130 7.83 -0.12 -12.45
CA GLN A 130 6.85 0.03 -11.38
C GLN A 130 6.42 1.49 -11.24
N CYS A 131 7.39 2.41 -11.33
CA CYS A 131 7.12 3.83 -11.21
C CYS A 131 6.19 4.31 -12.32
N VAL A 132 6.47 3.88 -13.56
CA VAL A 132 5.61 4.26 -14.68
C VAL A 132 4.15 3.84 -14.47
N ARG A 133 3.97 2.61 -14.01
CA ARG A 133 2.64 2.09 -13.73
C ARG A 133 2.00 2.88 -12.59
N MET A 134 2.81 3.34 -11.63
CA MET A 134 2.24 4.13 -10.54
C MET A 134 1.88 5.53 -11.02
N ARG A 135 2.64 6.08 -11.96
CA ARG A 135 2.30 7.38 -12.52
C ARG A 135 1.02 7.30 -13.35
N HIS A 136 0.81 6.15 -14.00
CA HIS A 136 -0.44 5.93 -14.74
C HIS A 136 -1.61 5.88 -13.76
N LEU A 137 -1.47 5.13 -12.68
CA LEU A 137 -2.48 5.13 -11.62
C LEU A 137 -2.80 6.55 -11.13
N SER A 138 -1.77 7.35 -10.86
CA SER A 138 -1.98 8.76 -10.53
C SER A 138 -2.80 9.52 -11.55
N GLN A 139 -2.51 9.32 -12.83
CA GLN A 139 -3.28 10.01 -13.86
C GLN A 139 -4.75 9.59 -13.90
N GLU A 140 -5.04 8.33 -13.60
CA GLU A 140 -6.43 7.85 -13.54
C GLU A 140 -7.25 8.53 -12.47
N PHE A 141 -6.70 8.85 -11.29
CA PHE A 141 -7.45 9.68 -10.34
C PHE A 141 -7.99 10.93 -11.02
N GLY A 142 -7.21 11.51 -11.94
CA GLY A 142 -7.68 12.73 -12.60
C GLY A 142 -8.65 12.40 -13.73
N TRP A 143 -8.36 11.38 -14.53
CA TRP A 143 -9.26 11.07 -15.66
C TRP A 143 -10.67 10.72 -15.15
N LEU A 144 -10.71 9.98 -14.04
CA LEU A 144 -11.96 9.52 -13.45
C LEU A 144 -12.56 10.57 -12.52
N GLN A 145 -11.89 11.70 -12.31
CA GLN A 145 -12.41 12.71 -11.38
C GLN A 145 -12.78 12.09 -10.04
N ILE A 146 -11.85 11.30 -9.50
CA ILE A 146 -12.10 10.70 -8.18
C ILE A 146 -12.16 11.76 -7.10
N THR A 147 -13.22 11.68 -6.28
CA THR A 147 -13.36 12.66 -5.20
C THR A 147 -12.53 12.27 -3.99
N PRO A 148 -12.21 13.22 -3.11
CA PRO A 148 -11.47 12.83 -1.89
C PRO A 148 -12.24 11.83 -1.05
N GLN A 149 -13.57 11.84 -1.12
CA GLN A 149 -14.39 10.93 -0.33
C GLN A 149 -14.37 9.54 -0.95
N GLU A 150 -14.49 9.49 -2.30
CA GLU A 150 -14.25 8.19 -2.97
C GLU A 150 -12.84 7.69 -2.63
N PHE A 151 -11.81 8.52 -2.61
CA PHE A 151 -10.46 8.02 -2.26
C PHE A 151 -10.46 7.35 -0.89
N LEU A 152 -11.06 7.99 0.10
CA LEU A 152 -11.01 7.44 1.46
C LEU A 152 -11.74 6.10 1.52
N CYS A 153 -12.89 6.00 0.87
CA CYS A 153 -13.64 4.74 0.95
C CYS A 153 -12.90 3.62 0.20
N MET A 154 -12.36 3.96 -0.96
CA MET A 154 -11.62 2.96 -1.75
C MET A 154 -10.36 2.50 -0.99
N LYS A 155 -9.65 3.42 -0.36
CA LYS A 155 -8.45 3.01 0.39
C LYS A 155 -8.80 2.05 1.53
N ALA A 156 -9.88 2.34 2.27
CA ALA A 156 -10.26 1.47 3.38
C ALA A 156 -10.60 0.08 2.84
N LEU A 157 -11.34 0.01 1.74
CA LEU A 157 -11.66 -1.27 1.13
C LEU A 157 -10.41 -2.04 0.74
N LEU A 158 -9.35 -1.39 0.32
CA LEU A 158 -8.10 -2.03 -0.08
C LEU A 158 -7.51 -2.87 1.03
N LEU A 159 -7.74 -2.41 2.26
CA LEU A 159 -7.20 -3.16 3.39
C LEU A 159 -7.78 -4.58 3.43
N PHE A 160 -9.02 -4.69 2.92
CA PHE A 160 -9.72 -5.98 2.95
C PHE A 160 -9.76 -6.65 1.59
N SER A 161 -8.66 -6.54 0.83
CA SER A 161 -8.69 -7.02 -0.55
C SER A 161 -7.56 -7.99 -0.86
N ILE A 162 -6.91 -8.55 0.17
CA ILE A 162 -5.90 -9.57 -0.17
C ILE A 162 -5.78 -10.57 0.98
N ILE A 163 -5.98 -11.86 0.79
CA ILE A 163 -6.05 -12.84 1.90
C ILE A 163 -5.56 -14.23 1.50
N PRO A 164 -5.29 -15.13 2.43
CA PRO A 164 -4.80 -16.47 2.04
C PRO A 164 -5.84 -17.24 1.24
N VAL A 165 -5.42 -17.98 0.21
CA VAL A 165 -6.39 -18.83 -0.51
C VAL A 165 -7.04 -19.85 0.42
N ASP A 166 -6.37 -20.37 1.42
CA ASP A 166 -6.85 -21.35 2.38
C ASP A 166 -7.64 -20.75 3.53
N GLY A 167 -7.86 -19.42 3.51
CA GLY A 167 -8.70 -18.77 4.50
C GLY A 167 -8.00 -18.17 5.70
N LEU A 168 -8.67 -17.23 6.36
CA LEU A 168 -8.20 -16.58 7.57
C LEU A 168 -8.66 -17.32 8.81
N LYS A 169 -8.22 -16.90 9.99
CA LYS A 169 -8.59 -17.64 11.20
C LYS A 169 -10.08 -17.59 11.48
N ASN A 170 -10.70 -16.43 11.27
CA ASN A 170 -12.15 -16.33 11.37
C ASN A 170 -12.64 -15.68 10.08
N GLN A 171 -12.80 -16.53 9.08
CA GLN A 171 -13.17 -16.06 7.74
C GLN A 171 -14.49 -15.34 7.75
N LYS A 172 -15.46 -15.86 8.51
CA LYS A 172 -16.79 -15.22 8.49
C LYS A 172 -16.74 -13.75 8.92
N PHE A 173 -16.00 -13.41 9.96
CA PHE A 173 -15.94 -12.01 10.43
C PHE A 173 -15.32 -11.12 9.36
N PHE A 174 -14.29 -11.66 8.67
CA PHE A 174 -13.70 -10.93 7.56
C PHE A 174 -14.74 -10.65 6.46
N ASP A 175 -15.44 -11.70 6.04
CA ASP A 175 -16.41 -11.60 4.98
C ASP A 175 -17.43 -10.51 5.26
N GLU A 176 -17.92 -10.45 6.49
CA GLU A 176 -18.93 -9.44 6.84
C GLU A 176 -18.31 -8.06 6.90
N LEU A 177 -17.06 -7.98 7.34
CA LEU A 177 -16.42 -6.65 7.33
C LEU A 177 -16.21 -6.14 5.92
N ARG A 178 -15.61 -6.96 5.05
CA ARG A 178 -15.41 -6.53 3.66
C ARG A 178 -16.73 -6.12 3.02
N MET A 179 -17.77 -6.88 3.29
CA MET A 179 -19.09 -6.56 2.76
C MET A 179 -19.51 -5.15 3.17
N ASN A 180 -19.35 -4.86 4.46
CA ASN A 180 -19.72 -3.50 4.90
C ASN A 180 -18.93 -2.43 4.17
N TYR A 181 -17.62 -2.66 3.91
CA TYR A 181 -16.91 -1.58 3.22
C TYR A 181 -17.36 -1.45 1.77
N ILE A 182 -17.80 -2.53 1.14
CA ILE A 182 -18.31 -2.44 -0.24
C ILE A 182 -19.63 -1.69 -0.23
N LYS A 183 -20.51 -1.99 0.71
CA LYS A 183 -21.78 -1.27 0.92
C LYS A 183 -21.54 0.23 1.10
N GLU A 184 -20.48 0.60 1.80
CA GLU A 184 -20.22 2.03 2.05
C GLU A 184 -19.61 2.67 0.82
N LEU A 185 -18.79 1.97 0.03
CA LEU A 185 -18.40 2.62 -1.23
C LEU A 185 -19.63 2.79 -2.12
N ASP A 186 -20.48 1.78 -2.22
CA ASP A 186 -21.72 1.91 -2.99
C ASP A 186 -22.56 3.10 -2.54
N ARG A 187 -22.60 3.34 -1.24
CA ARG A 187 -23.35 4.42 -0.63
C ARG A 187 -22.94 5.78 -1.17
N ILE A 188 -21.64 6.06 -1.20
CA ILE A 188 -21.21 7.40 -1.61
C ILE A 188 -21.17 7.50 -3.13
N ILE A 189 -21.34 6.37 -3.82
CA ILE A 189 -21.57 6.45 -5.26
C ILE A 189 -23.06 6.69 -5.51
N ALA A 190 -23.92 6.13 -4.67
CA ALA A 190 -25.36 6.31 -4.83
C ALA A 190 -25.77 7.74 -4.50
N CYS A 191 -25.06 8.30 -3.53
CA CYS A 191 -25.42 9.60 -2.98
C CYS A 191 -25.01 10.74 -3.90
N THR A 197 -27.21 2.46 -14.16
CA THR A 197 -27.27 3.91 -14.21
C THR A 197 -25.87 4.50 -14.28
N SER A 198 -25.74 5.81 -13.99
CA SER A 198 -24.39 6.39 -13.95
C SER A 198 -23.62 5.68 -12.83
N CYS A 199 -24.35 5.40 -11.77
CA CYS A 199 -23.87 4.76 -10.56
C CYS A 199 -23.28 3.39 -10.85
N SER A 200 -23.97 2.70 -11.78
CA SER A 200 -23.47 1.40 -12.19
C SER A 200 -22.13 1.59 -12.89
N ARG A 201 -22.08 2.54 -13.83
CA ARG A 201 -20.83 2.76 -14.55
C ARG A 201 -19.70 3.10 -13.57
N ARG A 202 -20.06 3.90 -12.57
CA ARG A 202 -19.08 4.40 -11.60
C ARG A 202 -18.49 3.24 -10.82
N PHE A 203 -19.35 2.34 -10.33
CA PHE A 203 -18.80 1.24 -9.51
C PHE A 203 -17.86 0.41 -10.36
N TYR A 204 -18.21 0.12 -11.62
CA TYR A 204 -17.28 -0.55 -12.52
C TYR A 204 -15.93 0.13 -12.63
N GLN A 205 -15.91 1.43 -12.88
CA GLN A 205 -14.65 2.14 -13.12
C GLN A 205 -13.76 2.09 -11.87
N LEU A 206 -14.38 2.32 -10.73
CA LEU A 206 -13.66 2.38 -9.46
C LEU A 206 -13.13 1.00 -9.05
N THR A 207 -13.86 -0.07 -9.32
CA THR A 207 -13.37 -1.40 -8.93
C THR A 207 -12.30 -1.88 -9.89
N LYS A 208 -12.38 -1.43 -11.15
CA LYS A 208 -11.27 -1.67 -12.06
C LYS A 208 -10.00 -1.02 -11.55
N LEU A 209 -10.11 0.23 -11.10
CA LEU A 209 -8.93 0.93 -10.61
C LEU A 209 -8.36 0.24 -9.39
N LEU A 210 -9.25 -0.15 -8.47
CA LEU A 210 -8.78 -0.86 -7.27
C LEU A 210 -8.06 -2.16 -7.64
N ASP A 211 -8.63 -2.94 -8.54
CA ASP A 211 -7.97 -4.16 -8.95
C ASP A 211 -6.56 -3.89 -9.46
N SER A 212 -6.38 -2.80 -10.18
CA SER A 212 -5.07 -2.52 -10.78
C SER A 212 -3.96 -2.27 -9.77
N VAL A 213 -4.33 -1.94 -8.52
CA VAL A 213 -3.28 -1.71 -7.52
C VAL A 213 -2.46 -2.97 -7.23
N GLN A 214 -3.11 -4.12 -7.22
CA GLN A 214 -2.49 -5.35 -6.74
C GLN A 214 -1.32 -5.77 -7.62
N PRO A 215 -1.45 -5.87 -8.94
CA PRO A 215 -0.26 -6.23 -9.74
C PRO A 215 0.89 -5.27 -9.49
N ILE A 216 0.61 -4.01 -9.16
CA ILE A 216 1.75 -3.12 -8.97
C ILE A 216 2.46 -3.43 -7.67
N ALA A 217 1.66 -3.67 -6.64
CA ALA A 217 2.25 -4.04 -5.35
C ALA A 217 3.08 -5.31 -5.50
N ARG A 218 2.55 -6.27 -6.27
CA ARG A 218 3.29 -7.50 -6.46
C ARG A 218 4.64 -7.27 -7.13
N GLU A 219 4.66 -6.35 -8.10
CA GLU A 219 5.94 -6.09 -8.78
C GLU A 219 6.92 -5.41 -7.83
N LEU A 220 6.44 -4.59 -6.91
CA LEU A 220 7.32 -4.04 -5.87
C LEU A 220 7.86 -5.13 -4.97
N HIS A 221 6.97 -6.06 -4.58
CA HIS A 221 7.37 -7.18 -3.72
C HIS A 221 8.42 -8.04 -4.40
N GLN A 222 8.19 -8.41 -5.67
CA GLN A 222 9.15 -9.25 -6.39
C GLN A 222 10.52 -8.58 -6.49
N PHE A 223 10.53 -7.30 -6.89
CA PHE A 223 11.78 -6.57 -7.00
C PHE A 223 12.54 -6.57 -5.67
N THR A 224 11.84 -6.32 -4.56
CA THR A 224 12.51 -6.20 -3.27
C THR A 224 12.92 -7.54 -2.66
N PHE A 225 12.08 -8.56 -2.86
CA PHE A 225 12.42 -9.92 -2.44
C PHE A 225 13.75 -10.30 -3.09
N ASP A 226 13.84 -10.04 -4.40
CA ASP A 226 15.07 -10.39 -5.12
C ASP A 226 16.28 -9.64 -4.57
N LEU A 227 16.12 -8.37 -4.24
CA LEU A 227 17.17 -7.58 -3.61
C LEU A 227 17.67 -8.19 -2.31
N LEU A 228 16.67 -8.54 -1.47
CA LEU A 228 16.99 -9.11 -0.19
C LEU A 228 17.83 -10.39 -0.35
N ILE A 229 17.40 -11.24 -1.27
CA ILE A 229 18.16 -12.50 -1.43
C ILE A 229 19.56 -12.21 -1.89
N LYS A 230 19.74 -11.27 -2.81
CA LYS A 230 21.11 -11.17 -3.30
C LYS A 230 21.96 -10.34 -2.32
N SER A 231 21.33 -9.55 -1.49
N SER A 231 21.28 -9.58 -1.50
CA SER A 231 21.81 -8.53 -0.60
CA SER A 231 21.77 -8.71 -0.44
C SER A 231 23.12 -8.83 0.12
C SER A 231 23.18 -8.19 -0.73
N HIS A 232 23.61 -10.06 0.16
N HIS A 232 24.18 -8.81 -0.10
CA HIS A 232 24.87 -10.25 0.90
CA HIS A 232 25.57 -8.41 -0.12
C HIS A 232 26.04 -9.64 0.14
C HIS A 232 26.04 -7.91 -1.48
N MET A 233 25.99 -9.70 -1.20
N MET A 233 25.58 -8.55 -2.56
CA MET A 233 27.03 -9.02 -1.98
CA MET A 233 25.92 -8.19 -3.93
C MET A 233 26.66 -7.54 -2.13
C MET A 233 25.78 -6.70 -4.14
N VAL A 234 25.39 -7.26 -2.41
N VAL A 234 24.54 -6.21 -4.08
CA VAL A 234 24.93 -5.88 -2.59
CA VAL A 234 24.32 -4.77 -4.16
C VAL A 234 24.85 -5.15 -1.25
C VAL A 234 24.65 -4.12 -2.82
N SER A 235 25.12 -5.87 -0.16
N SER A 235 24.96 -4.96 -1.85
CA SER A 235 25.17 -5.32 1.18
CA SER A 235 25.41 -4.58 -0.52
C SER A 235 23.99 -4.41 1.50
C SER A 235 24.45 -3.61 0.15
N VAL A 236 22.84 -4.65 0.87
N VAL A 236 23.38 -4.18 0.70
CA VAL A 236 21.72 -3.79 1.20
CA VAL A 236 22.34 -3.43 1.39
C VAL A 236 21.22 -4.09 2.63
C VAL A 236 21.92 -4.09 2.70
N ASP A 237 21.92 -3.51 3.58
N ASP A 237 22.02 -3.35 3.80
CA ASP A 237 21.56 -3.55 4.99
CA ASP A 237 21.62 -3.88 5.12
C ASP A 237 20.07 -3.44 5.22
C ASP A 237 20.17 -3.56 5.39
N PHE A 238 19.30 -4.53 5.06
CA PHE A 238 17.86 -4.39 5.25
C PHE A 238 17.49 -4.27 6.74
N PRO A 239 16.79 -3.18 7.01
CA PRO A 239 16.39 -2.90 8.38
C PRO A 239 15.46 -4.00 8.91
N GLU A 240 15.42 -4.15 10.23
CA GLU A 240 14.80 -5.34 10.82
C GLU A 240 13.34 -5.52 10.41
N MET A 241 12.50 -4.52 10.46
CA MET A 241 11.08 -4.72 10.14
C MET A 241 10.90 -5.20 8.71
N MET A 242 11.72 -4.63 7.82
CA MET A 242 11.55 -4.92 6.39
C MET A 242 12.05 -6.34 6.09
N ALA A 243 13.16 -6.69 6.73
CA ALA A 243 13.72 -8.03 6.53
C ALA A 243 12.73 -9.08 6.97
N GLU A 244 12.06 -8.81 8.10
CA GLU A 244 11.04 -9.75 8.55
C GLU A 244 9.90 -9.85 7.56
N ILE A 245 9.34 -8.69 7.16
CA ILE A 245 8.16 -8.79 6.28
C ILE A 245 8.52 -9.35 4.93
N ILE A 246 9.71 -9.04 4.42
CA ILE A 246 10.05 -9.55 3.09
C ILE A 246 10.33 -11.05 3.12
N SER A 247 10.87 -11.56 4.23
CA SER A 247 11.24 -12.98 4.24
C SER A 247 10.12 -13.89 4.75
N VAL A 248 9.24 -13.36 5.60
CA VAL A 248 8.21 -14.16 6.26
C VAL A 248 6.87 -14.03 5.56
N GLN A 249 6.48 -12.83 5.11
CA GLN A 249 5.12 -12.62 4.65
C GLN A 249 5.06 -12.48 3.13
N VAL A 250 5.96 -11.68 2.55
CA VAL A 250 5.97 -11.51 1.12
C VAL A 250 6.08 -12.82 0.33
N PRO A 251 6.85 -13.82 0.69
CA PRO A 251 6.89 -15.04 -0.15
C PRO A 251 5.54 -15.76 -0.20
N LYS A 252 4.70 -15.53 0.82
CA LYS A 252 3.35 -16.09 0.73
C LYS A 252 2.64 -15.50 -0.49
N ILE A 253 2.84 -14.19 -0.71
CA ILE A 253 2.17 -13.59 -1.87
C ILE A 253 2.83 -14.06 -3.15
N LEU A 254 4.16 -14.06 -3.18
CA LEU A 254 4.86 -14.44 -4.42
C LEU A 254 4.67 -15.90 -4.82
N SER A 255 4.36 -16.75 -3.85
CA SER A 255 4.17 -18.18 -4.10
C SER A 255 2.69 -18.45 -4.36
N GLY A 256 1.84 -17.42 -4.26
CA GLY A 256 0.41 -17.67 -4.55
C GLY A 256 -0.39 -18.20 -3.38
N LYS A 257 0.18 -18.32 -2.18
CA LYS A 257 -0.63 -18.79 -1.05
C LYS A 257 -1.57 -17.71 -0.53
N VAL A 258 -1.24 -16.46 -0.79
CA VAL A 258 -1.98 -15.25 -0.45
C VAL A 258 -2.21 -14.49 -1.76
N LYS A 259 -3.47 -14.22 -2.10
CA LYS A 259 -3.87 -13.65 -3.36
C LYS A 259 -4.87 -12.52 -3.18
N PRO A 260 -4.84 -11.53 -4.06
CA PRO A 260 -5.87 -10.50 -4.01
C PRO A 260 -7.25 -11.09 -4.27
N ILE A 261 -8.24 -10.37 -3.72
CA ILE A 261 -9.65 -10.55 -4.02
C ILE A 261 -9.95 -9.56 -5.15
N TYR A 262 -10.08 -10.06 -6.37
CA TYR A 262 -10.35 -9.16 -7.49
C TYR A 262 -11.85 -9.01 -7.71
N PHE A 263 -12.27 -7.84 -8.17
CA PHE A 263 -13.65 -7.69 -8.59
C PHE A 263 -13.86 -8.30 -9.97
N HIS A 264 -12.90 -8.02 -10.85
CA HIS A 264 -13.05 -8.47 -12.24
C HIS A 264 -12.04 -9.58 -12.54
N THR A 265 -12.38 -10.41 -13.53
CA THR A 265 -11.41 -11.50 -13.81
C THR A 265 -10.22 -10.96 -14.57
N GLN A 266 -9.00 -11.33 -14.18
CA GLN A 266 -7.78 -10.76 -14.74
C GLN A 266 -7.37 -11.43 -16.06
N GLY B 1 7.99 -11.37 17.13
CA GLY B 1 8.50 -10.74 15.94
C GLY B 1 8.42 -9.23 15.98
N ALA B 2 9.10 -8.58 15.04
CA ALA B 2 9.12 -7.13 14.98
C ALA B 2 7.75 -6.55 14.67
N PHE B 3 7.10 -7.12 13.63
CA PHE B 3 5.78 -6.54 13.35
C PHE B 3 4.83 -6.74 14.53
N GLN B 4 4.84 -7.92 15.13
CA GLN B 4 3.92 -8.11 16.27
C GLN B 4 4.21 -7.13 17.40
N ASN B 5 5.47 -6.87 17.71
CA ASN B 5 5.81 -5.85 18.72
C ASN B 5 5.21 -4.50 18.36
N LEU B 6 5.30 -4.17 17.06
CA LEU B 6 4.81 -2.84 16.67
C LEU B 6 3.31 -2.77 16.80
N PHE B 7 2.64 -3.83 16.34
CA PHE B 7 1.18 -3.88 16.41
C PHE B 7 0.73 -3.79 17.86
N GLN B 8 1.45 -4.51 18.73
CA GLN B 8 1.00 -4.51 20.13
C GLN B 8 1.26 -3.18 20.82
N SER B 9 2.17 -2.36 20.35
CA SER B 9 2.55 -1.07 20.92
C SER B 9 1.60 0.09 20.63
N VAL B 10 0.73 -0.15 19.67
CA VAL B 10 -0.29 0.81 19.26
C VAL B 10 -1.60 0.54 19.98
N ARG B 11 -1.97 1.58 20.72
CA ARG B 11 -3.23 1.63 21.45
C ARG B 11 -4.41 1.23 20.61
#